data_7VV6
#
_entry.id   7VV6
#
_cell.length_a   1.00
_cell.length_b   1.00
_cell.length_c   1.00
_cell.angle_alpha   90.00
_cell.angle_beta   90.00
_cell.angle_gamma   90.00
#
_symmetry.space_group_name_H-M   'P 1'
#
loop_
_entity.id
_entity.type
_entity.pdbx_description
1 polymer 'Mas-related G-protein coupled receptor member X2'
2 non-polymer CHOLESTEROL
3 non-polymer 2-[4-methoxy-3-[[2-methoxy-3-[[2-methoxy-5-[2-(methylamino)ethyl]phenyl]methyl]-5-[2-(methylamino)ethyl]phenyl]methyl]phenyl]-~{N}-methyl-ethanamine
#
_entity_poly.entity_id   1
_entity_poly.type   'polypeptide(L)'
_entity_poly.pdbx_seq_one_letter_code
;MDPTTPAWGTESTTVNGNDQALLLLCGKETLIPVFLILFIALVGLVGNGFVLWLLGFRMRRNAFSVYVLSLAGADFLFLC
FQIINCLVYLSNFFCSISINFPSFFTTVMTCAYLAGLSMLSTVSTERCLSVLWPIWYRCRRPRHLSAVVCVLLWALSLLL
SILEGKFCGFLFSDGDSGWCQTFDFITAAWLIFLFMVLCGSSLALLVRILCGSRGLPLTRLYLTILLTVLVFLLCGLPFG
IQWFLILWIWKDSDVLFCHIHPVSVVLSSLNSSANPIIYFFVGSFRKQWRLQQPILKLALQRALQDIAEVDHSEGCFRQG
TPEMSRSSLV
;
_entity_poly.pdbx_strand_id   R
#
# COMPACT_ATOMS: atom_id res chain seq x y z
N ASP A 19 -15.67 18.43 5.99
CA ASP A 19 -15.30 19.02 7.27
C ASP A 19 -15.70 18.09 8.41
N GLN A 20 -15.31 16.82 8.28
CA GLN A 20 -15.61 15.82 9.28
C GLN A 20 -14.51 14.76 9.25
N ALA A 21 -14.42 14.00 10.34
CA ALA A 21 -13.46 12.92 10.45
C ALA A 21 -14.18 11.60 10.20
N LEU A 22 -13.45 10.63 9.64
CA LEU A 22 -14.04 9.34 9.33
C LEU A 22 -13.91 8.34 10.47
N LEU A 23 -13.56 8.81 11.67
CA LEU A 23 -13.42 7.93 12.81
C LEU A 23 -14.36 8.29 13.96
N LEU A 24 -15.17 9.34 13.81
CA LEU A 24 -16.04 9.75 14.90
C LEU A 24 -17.49 9.31 14.70
N LEU A 25 -17.74 8.25 13.92
CA LEU A 25 -19.11 7.81 13.72
C LEU A 25 -19.62 7.02 14.91
N CYS A 26 -18.73 6.33 15.63
CA CYS A 26 -19.15 5.55 16.78
C CYS A 26 -18.42 5.97 18.05
N GLY A 27 -17.09 6.03 18.00
CA GLY A 27 -16.34 6.67 19.07
C GLY A 27 -15.80 5.78 20.17
N LYS A 28 -16.68 5.18 20.97
CA LYS A 28 -16.23 4.33 22.07
C LYS A 28 -15.81 2.94 21.63
N GLU A 29 -16.39 2.43 20.54
CA GLU A 29 -16.05 1.12 20.03
C GLU A 29 -14.76 1.11 19.22
N THR A 30 -14.25 2.29 18.87
CA THR A 30 -13.20 2.43 17.87
C THR A 30 -11.81 2.57 18.52
N LEU A 31 -11.75 2.61 19.86
CA LEU A 31 -10.63 3.27 20.54
C LEU A 31 -9.36 2.43 20.53
N ILE A 32 -9.47 1.12 20.78
CA ILE A 32 -8.30 0.23 20.81
C ILE A 32 -7.64 0.02 19.44
N PRO A 33 -8.36 -0.09 18.30
CA PRO A 33 -7.65 -0.04 17.00
C PRO A 33 -6.93 1.27 16.71
N VAL A 34 -7.31 2.39 17.33
CA VAL A 34 -6.59 3.63 17.11
C VAL A 34 -5.23 3.60 17.81
N PHE A 35 -5.15 2.94 18.96
CA PHE A 35 -3.86 2.75 19.61
C PHE A 35 -2.98 1.78 18.83
N LEU A 36 -3.62 0.76 18.21
CA LEU A 36 -2.87 -0.12 17.30
C LEU A 36 -2.39 0.61 16.05
N ILE A 37 -3.25 1.48 15.47
CA ILE A 37 -2.92 2.29 14.29
C ILE A 37 -1.76 3.22 14.58
N LEU A 38 -1.76 3.84 15.77
CA LEU A 38 -0.70 4.76 16.15
C LEU A 38 0.63 4.05 16.39
N PHE A 39 0.62 2.91 17.10
CA PHE A 39 1.87 2.21 17.40
C PHE A 39 2.49 1.59 16.15
N ILE A 40 1.66 0.93 15.35
CA ILE A 40 2.10 0.30 14.11
C ILE A 40 2.52 1.35 13.09
N ALA A 41 1.84 2.50 13.07
CA ALA A 41 2.16 3.53 12.11
C ALA A 41 3.42 4.29 12.48
N LEU A 42 3.71 4.46 13.78
CA LEU A 42 4.98 5.09 14.14
C LEU A 42 6.16 4.16 13.90
N VAL A 43 6.01 2.86 14.17
CA VAL A 43 7.15 1.96 13.93
C VAL A 43 7.34 1.73 12.42
N GLY A 44 6.26 1.86 11.64
CA GLY A 44 6.40 1.78 10.20
C GLY A 44 6.91 3.06 9.59
N LEU A 45 6.62 4.19 10.21
CA LEU A 45 7.25 5.45 9.82
C LEU A 45 8.73 5.45 10.11
N VAL A 46 9.13 4.81 11.21
CA VAL A 46 10.55 4.64 11.54
C VAL A 46 11.24 3.74 10.52
N GLY A 47 10.60 2.62 10.16
CA GLY A 47 11.20 1.71 9.20
C GLY A 47 11.25 2.26 7.79
N ASN A 48 10.20 2.96 7.38
CA ASN A 48 10.21 3.60 6.07
C ASN A 48 11.13 4.81 6.04
N GLY A 49 11.35 5.48 7.17
CA GLY A 49 12.31 6.57 7.21
C GLY A 49 13.73 6.07 7.12
N PHE A 50 14.00 4.92 7.73
CA PHE A 50 15.32 4.30 7.61
C PHE A 50 15.59 3.80 6.19
N VAL A 51 14.57 3.22 5.54
CA VAL A 51 14.73 2.75 4.15
C VAL A 51 14.89 3.95 3.20
N LEU A 52 14.16 5.03 3.46
CA LEU A 52 14.25 6.23 2.62
C LEU A 52 15.60 6.93 2.79
N TRP A 53 16.11 6.99 4.02
CA TRP A 53 17.42 7.61 4.25
C TRP A 53 18.55 6.77 3.67
N LEU A 54 18.53 5.44 3.92
CA LEU A 54 19.59 4.55 3.47
C LEU A 54 19.65 4.45 1.95
N LEU A 55 18.52 4.19 1.32
CA LEU A 55 18.52 4.10 -0.13
C LEU A 55 18.56 5.46 -0.81
N GLY A 56 18.23 6.55 -0.12
CA GLY A 56 18.30 7.82 -0.77
C GLY A 56 19.72 8.34 -0.79
N PHE A 57 20.45 8.17 0.31
CA PHE A 57 21.77 8.76 0.40
C PHE A 57 22.87 7.74 0.66
N ARG A 58 22.69 6.83 1.61
CA ARG A 58 23.81 6.08 2.14
C ARG A 58 24.18 4.88 1.30
N MET A 59 23.21 4.09 0.87
CA MET A 59 23.46 2.86 0.16
C MET A 59 23.50 3.10 -1.34
N ARG A 60 24.09 2.15 -2.05
CA ARG A 60 24.12 2.20 -3.50
C ARG A 60 22.91 1.45 -4.06
N ARG A 61 22.28 2.07 -5.04
CA ARG A 61 21.01 1.60 -5.57
C ARG A 61 21.22 0.82 -6.85
N ASN A 62 20.65 -0.38 -6.92
CA ASN A 62 20.48 -1.06 -8.19
C ASN A 62 19.09 -0.73 -8.73
N ALA A 63 18.63 -1.46 -9.75
CA ALA A 63 17.38 -1.10 -10.40
C ALA A 63 16.16 -1.53 -9.58
N PHE A 64 16.35 -2.48 -8.68
CA PHE A 64 15.27 -2.91 -7.80
C PHE A 64 15.10 -1.95 -6.62
N SER A 65 16.17 -1.21 -6.29
CA SER A 65 16.13 -0.31 -5.15
C SER A 65 15.29 0.93 -5.44
N VAL A 66 15.08 1.25 -6.71
CA VAL A 66 14.16 2.31 -7.09
C VAL A 66 12.73 1.94 -6.72
N TYR A 67 12.35 0.67 -6.95
CA TYR A 67 11.05 0.17 -6.55
C TYR A 67 10.90 0.12 -5.03
N VAL A 68 11.97 -0.27 -4.34
CA VAL A 68 11.91 -0.35 -2.88
C VAL A 68 11.82 1.05 -2.27
N LEU A 69 12.51 2.02 -2.87
CA LEU A 69 12.49 3.40 -2.42
C LEU A 69 11.14 4.05 -2.65
N SER A 70 10.54 3.81 -3.81
CA SER A 70 9.24 4.43 -4.09
C SER A 70 8.12 3.75 -3.32
N LEU A 71 8.29 2.46 -2.99
CA LEU A 71 7.34 1.79 -2.11
C LEU A 71 7.42 2.32 -0.69
N ALA A 72 8.64 2.60 -0.21
CA ALA A 72 8.78 3.19 1.13
C ALA A 72 8.31 4.63 1.16
N GLY A 73 8.38 5.34 0.03
CA GLY A 73 7.80 6.68 -0.03
C GLY A 73 6.28 6.67 0.01
N ALA A 74 5.66 5.71 -0.69
CA ALA A 74 4.21 5.50 -0.59
C ALA A 74 3.78 5.10 0.81
N ASP A 75 4.55 4.24 1.46
CA ASP A 75 4.23 3.82 2.82
C ASP A 75 4.45 4.94 3.82
N PHE A 76 5.41 5.83 3.56
CA PHE A 76 5.66 6.97 4.43
C PHE A 76 4.52 7.97 4.36
N LEU A 77 4.03 8.24 3.15
CA LEU A 77 2.89 9.15 2.99
C LEU A 77 1.61 8.56 3.57
N PHE A 78 1.39 7.26 3.38
CA PHE A 78 0.19 6.61 3.91
C PHE A 78 0.21 6.52 5.42
N LEU A 79 1.38 6.23 6.01
CA LEU A 79 1.43 6.06 7.45
C LEU A 79 1.46 7.39 8.18
N CYS A 80 2.01 8.44 7.59
CA CYS A 80 1.92 9.74 8.24
C CYS A 80 0.52 10.32 8.13
N PHE A 81 -0.20 10.02 7.04
CA PHE A 81 -1.61 10.43 7.00
C PHE A 81 -2.48 9.60 7.93
N GLN A 82 -2.12 8.35 8.19
CA GLN A 82 -2.85 7.61 9.21
C GLN A 82 -2.51 8.08 10.62
N ILE A 83 -1.30 8.59 10.82
CA ILE A 83 -0.94 9.19 12.11
C ILE A 83 -1.73 10.49 12.32
N ILE A 84 -1.93 11.27 11.26
CA ILE A 84 -2.69 12.52 11.33
C ILE A 84 -4.18 12.24 11.61
N ASN A 85 -4.75 11.26 10.89
CA ASN A 85 -6.16 10.93 11.12
C ASN A 85 -6.34 10.14 12.43
N CYS A 86 -5.28 9.59 12.97
CA CYS A 86 -5.34 9.04 14.32
C CYS A 86 -5.31 10.14 15.38
N LEU A 87 -4.49 11.18 15.16
CA LEU A 87 -4.35 12.23 16.16
C LEU A 87 -5.54 13.17 16.16
N VAL A 88 -6.27 13.24 15.04
CA VAL A 88 -7.52 13.99 15.01
C VAL A 88 -8.58 13.32 15.90
N TYR A 89 -8.71 12.00 15.81
CA TYR A 89 -9.61 11.23 16.67
C TYR A 89 -9.16 11.27 18.12
N LEU A 90 -7.86 11.27 18.36
CA LEU A 90 -7.38 11.27 19.74
C LEU A 90 -7.54 12.65 20.39
N SER A 91 -7.37 13.71 19.59
CA SER A 91 -7.59 15.06 20.08
C SER A 91 -9.07 15.33 20.31
N ASN A 92 -9.94 14.71 19.51
CA ASN A 92 -11.38 14.83 19.78
C ASN A 92 -11.82 13.96 20.94
N PHE A 93 -11.20 12.81 21.15
CA PHE A 93 -11.65 11.92 22.21
C PHE A 93 -11.18 12.37 23.58
N PHE A 94 -9.87 12.57 23.74
CA PHE A 94 -9.36 12.79 25.09
C PHE A 94 -9.56 14.24 25.53
N CYS A 95 -8.90 15.19 24.85
CA CYS A 95 -8.94 16.57 25.31
C CYS A 95 -10.02 17.39 24.61
N SER A 96 -10.77 16.78 23.68
CA SER A 96 -11.95 17.33 23.00
C SER A 96 -11.65 18.61 22.21
N ILE A 97 -10.83 18.49 21.17
CA ILE A 97 -10.63 19.53 20.18
C ILE A 97 -10.92 18.92 18.81
N SER A 98 -11.89 19.48 18.11
CA SER A 98 -12.26 19.01 16.77
C SER A 98 -11.34 19.68 15.76
N ILE A 99 -10.21 19.04 15.46
CA ILE A 99 -9.28 19.58 14.48
C ILE A 99 -9.82 19.30 13.09
N ASN A 100 -10.01 20.35 12.31
CA ASN A 100 -10.54 20.24 10.96
C ASN A 100 -9.37 20.26 9.98
N PHE A 101 -8.60 19.16 9.96
CA PHE A 101 -7.62 18.92 8.92
C PHE A 101 -8.37 18.63 7.61
N PRO A 102 -7.90 19.16 6.47
CA PRO A 102 -8.79 19.28 5.31
C PRO A 102 -9.01 17.94 4.62
N SER A 103 -10.14 17.84 3.93
CA SER A 103 -10.56 16.54 3.40
C SER A 103 -9.88 16.19 2.09
N PHE A 104 -8.99 17.03 1.58
CA PHE A 104 -8.13 16.62 0.47
C PHE A 104 -6.90 15.85 0.93
N PHE A 105 -6.72 15.68 2.25
CA PHE A 105 -5.70 14.79 2.76
C PHE A 105 -6.04 13.32 2.49
N THR A 106 -7.34 13.03 2.43
CA THR A 106 -7.84 11.69 2.11
C THR A 106 -7.44 11.26 0.69
N THR A 107 -7.43 12.21 -0.25
CA THR A 107 -7.03 11.93 -1.62
C THR A 107 -5.54 11.60 -1.73
N VAL A 108 -4.69 12.28 -0.98
CA VAL A 108 -3.27 11.97 -1.01
C VAL A 108 -2.99 10.67 -0.23
N MET A 109 -3.83 10.35 0.77
CA MET A 109 -3.72 9.06 1.45
C MET A 109 -4.08 7.90 0.53
N THR A 110 -5.12 8.05 -0.28
CA THR A 110 -5.48 7.00 -1.24
C THR A 110 -4.48 6.92 -2.39
N CYS A 111 -3.86 8.05 -2.76
CA CYS A 111 -2.80 8.04 -3.77
C CYS A 111 -1.59 7.26 -3.28
N ALA A 112 -1.25 7.43 -1.99
CA ALA A 112 -0.16 6.68 -1.38
C ALA A 112 -0.49 5.20 -1.29
N TYR A 113 -1.74 4.87 -0.98
CA TYR A 113 -2.17 3.48 -0.87
C TYR A 113 -2.14 2.76 -2.22
N LEU A 114 -2.62 3.43 -3.27
CA LEU A 114 -2.66 2.82 -4.59
C LEU A 114 -1.27 2.71 -5.19
N ALA A 115 -0.40 3.68 -4.90
CA ALA A 115 0.97 3.59 -5.41
C ALA A 115 1.76 2.53 -4.67
N GLY A 116 1.45 2.29 -3.39
CA GLY A 116 2.10 1.21 -2.67
C GLY A 116 1.71 -0.17 -3.16
N LEU A 117 0.42 -0.38 -3.43
CA LEU A 117 0.00 -1.69 -3.94
C LEU A 117 0.45 -1.92 -5.38
N SER A 118 0.55 -0.85 -6.17
CA SER A 118 1.10 -1.00 -7.51
C SER A 118 2.59 -1.25 -7.49
N MET A 119 3.29 -0.75 -6.46
CA MET A 119 4.71 -1.05 -6.33
C MET A 119 4.93 -2.49 -5.93
N LEU A 120 4.01 -3.06 -5.14
CA LEU A 120 4.11 -4.48 -4.79
C LEU A 120 3.91 -5.38 -5.99
N SER A 121 2.94 -5.04 -6.84
CA SER A 121 2.75 -5.81 -8.08
C SER A 121 3.89 -5.62 -9.07
N THR A 122 4.51 -4.43 -9.06
CA THR A 122 5.67 -4.18 -9.92
C THR A 122 6.89 -4.97 -9.49
N VAL A 123 7.12 -5.07 -8.18
CA VAL A 123 8.23 -5.85 -7.63
C VAL A 123 8.06 -7.33 -7.95
N SER A 124 6.84 -7.84 -7.80
CA SER A 124 6.55 -9.25 -8.11
C SER A 124 6.70 -9.55 -9.61
N THR A 125 6.30 -8.59 -10.46
CA THR A 125 6.48 -8.76 -11.90
C THR A 125 7.94 -8.69 -12.30
N GLU A 126 8.74 -7.89 -11.58
CA GLU A 126 10.16 -7.77 -11.90
C GLU A 126 10.93 -9.01 -11.51
N ARG A 127 10.54 -9.66 -10.41
CA ARG A 127 11.16 -10.93 -10.03
C ARG A 127 10.80 -12.05 -10.99
N CYS A 128 9.54 -12.07 -11.45
CA CYS A 128 9.12 -13.05 -12.45
C CYS A 128 9.83 -12.84 -13.78
N LEU A 129 10.06 -11.59 -14.16
CA LEU A 129 10.78 -11.30 -15.40
C LEU A 129 12.26 -11.59 -15.29
N SER A 130 12.83 -11.46 -14.10
CA SER A 130 14.23 -11.76 -13.94
C SER A 130 14.50 -13.25 -13.98
N VAL A 131 13.54 -14.07 -13.56
CA VAL A 131 13.76 -15.51 -13.66
C VAL A 131 13.36 -16.06 -15.03
N LEU A 132 12.28 -15.55 -15.63
CA LEU A 132 11.81 -16.11 -16.90
C LEU A 132 12.68 -15.69 -18.08
N TRP A 133 13.06 -14.43 -18.15
CA TRP A 133 13.97 -13.99 -19.20
C TRP A 133 15.25 -13.49 -18.56
N PRO A 134 16.19 -14.37 -18.21
CA PRO A 134 17.31 -13.91 -17.39
C PRO A 134 18.41 -13.22 -18.17
N ILE A 135 18.62 -13.60 -19.43
CA ILE A 135 19.68 -12.99 -20.23
C ILE A 135 19.24 -11.61 -20.70
N TRP A 136 17.94 -11.45 -20.99
CA TRP A 136 17.38 -10.13 -21.27
C TRP A 136 17.45 -9.22 -20.05
N TYR A 137 17.15 -9.77 -18.87
CA TYR A 137 17.18 -8.96 -17.66
C TYR A 137 18.60 -8.60 -17.25
N ARG A 138 19.56 -9.46 -17.53
CA ARG A 138 20.93 -9.12 -17.22
C ARG A 138 21.52 -8.14 -18.22
N CYS A 139 21.24 -8.32 -19.51
CA CYS A 139 21.89 -7.54 -20.55
C CYS A 139 21.01 -6.49 -21.19
N ARG A 140 19.87 -6.85 -21.74
CA ARG A 140 19.13 -5.97 -22.62
C ARG A 140 18.10 -5.09 -21.91
N ARG A 141 17.95 -5.21 -20.60
CA ARG A 141 16.95 -4.43 -19.89
C ARG A 141 17.44 -2.98 -19.77
N PRO A 142 16.59 -1.99 -20.07
CA PRO A 142 17.04 -0.60 -20.00
C PRO A 142 17.17 -0.13 -18.56
N ARG A 143 18.18 0.70 -18.33
CA ARG A 143 18.57 1.03 -16.96
C ARG A 143 17.59 2.02 -16.33
N HIS A 144 16.87 2.77 -17.14
CA HIS A 144 15.89 3.72 -16.63
C HIS A 144 14.49 3.17 -16.62
N LEU A 145 14.32 1.86 -16.70
CA LEU A 145 12.99 1.27 -16.77
C LEU A 145 12.30 1.33 -15.43
N SER A 146 13.07 1.27 -14.34
CA SER A 146 12.49 1.32 -13.01
C SER A 146 11.93 2.70 -12.69
N ALA A 147 12.66 3.75 -13.08
CA ALA A 147 12.23 5.11 -12.84
C ALA A 147 11.02 5.47 -13.69
N VAL A 148 11.01 5.01 -14.96
CA VAL A 148 9.88 5.20 -15.87
C VAL A 148 8.63 4.51 -15.35
N VAL A 149 8.75 3.25 -14.94
CA VAL A 149 7.59 2.48 -14.48
C VAL A 149 7.10 3.00 -13.13
N CYS A 150 8.02 3.52 -12.30
CA CYS A 150 7.65 4.12 -11.03
C CYS A 150 6.88 5.43 -11.22
N VAL A 151 7.31 6.30 -12.15
CA VAL A 151 6.62 7.57 -12.30
C VAL A 151 5.30 7.38 -13.05
N LEU A 152 5.20 6.35 -13.91
CA LEU A 152 3.90 6.09 -14.53
C LEU A 152 2.91 5.48 -13.54
N LEU A 153 3.36 4.60 -12.66
CA LEU A 153 2.42 4.01 -11.71
C LEU A 153 2.04 4.99 -10.62
N TRP A 154 2.97 5.86 -10.24
CA TRP A 154 2.66 6.94 -9.31
C TRP A 154 1.74 7.97 -9.93
N ALA A 155 1.94 8.29 -11.22
CA ALA A 155 1.11 9.26 -11.90
C ALA A 155 -0.30 8.74 -12.13
N LEU A 156 -0.44 7.44 -12.44
CA LEU A 156 -1.76 6.89 -12.66
C LEU A 156 -2.51 6.68 -11.34
N SER A 157 -1.78 6.34 -10.27
CA SER A 157 -2.41 6.26 -8.95
C SER A 157 -2.84 7.63 -8.44
N LEU A 158 -2.03 8.65 -8.70
CA LEU A 158 -2.37 10.02 -8.35
C LEU A 158 -3.56 10.52 -9.17
N LEU A 159 -3.62 10.14 -10.45
CA LEU A 159 -4.71 10.54 -11.34
C LEU A 159 -6.03 9.92 -10.90
N LEU A 160 -6.03 8.61 -10.60
CA LEU A 160 -7.22 7.94 -10.10
C LEU A 160 -7.63 8.46 -8.73
N SER A 161 -6.66 8.87 -7.92
CA SER A 161 -6.98 9.40 -6.59
C SER A 161 -7.60 10.79 -6.65
N ILE A 162 -7.06 11.70 -7.46
CA ILE A 162 -7.62 13.05 -7.52
C ILE A 162 -8.95 13.04 -8.25
N LEU A 163 -9.10 12.12 -9.22
CA LEU A 163 -10.34 12.01 -9.95
C LEU A 163 -11.45 11.44 -9.06
N GLU A 164 -11.11 10.46 -8.23
CA GLU A 164 -12.09 9.89 -7.32
C GLU A 164 -12.43 10.87 -6.20
N GLY A 165 -11.43 11.56 -5.64
CA GLY A 165 -11.69 12.52 -4.59
C GLY A 165 -12.35 13.79 -5.07
N LYS A 166 -12.26 14.09 -6.36
CA LYS A 166 -12.96 15.25 -6.89
C LYS A 166 -14.39 14.87 -7.27
N PHE A 167 -14.63 13.61 -7.62
CA PHE A 167 -16.01 13.22 -7.91
C PHE A 167 -16.76 12.74 -6.68
N CYS A 168 -16.07 12.42 -5.60
CA CYS A 168 -16.75 12.04 -4.37
C CYS A 168 -16.79 13.17 -3.34
N GLY A 169 -16.26 14.35 -3.69
CA GLY A 169 -16.42 15.51 -2.85
C GLY A 169 -15.35 15.72 -1.81
N PHE A 170 -14.24 15.00 -1.88
CA PHE A 170 -13.14 15.26 -0.97
C PHE A 170 -12.29 16.43 -1.43
N LEU A 171 -12.39 16.79 -2.71
CA LEU A 171 -11.64 17.89 -3.29
C LEU A 171 -12.59 19.05 -3.53
N PHE A 172 -12.63 19.98 -2.56
CA PHE A 172 -13.31 21.28 -2.62
C PHE A 172 -14.83 21.14 -2.79
N SER A 173 -15.38 20.10 -2.14
CA SER A 173 -16.80 19.87 -1.81
C SER A 173 -17.80 19.94 -2.96
N ASP A 174 -17.36 19.79 -4.20
CA ASP A 174 -18.29 19.56 -5.31
C ASP A 174 -18.18 18.11 -5.74
N GLY A 175 -19.32 17.46 -5.98
CA GLY A 175 -19.28 16.08 -6.38
C GLY A 175 -20.62 15.40 -6.53
N ASP A 176 -20.72 14.52 -7.51
CA ASP A 176 -21.94 13.77 -7.80
C ASP A 176 -21.67 12.30 -7.58
N SER A 177 -22.61 11.63 -6.93
CA SER A 177 -22.48 10.25 -6.57
C SER A 177 -22.41 9.27 -7.71
N GLY A 178 -23.25 9.50 -8.70
CA GLY A 178 -23.41 8.54 -9.77
C GLY A 178 -22.14 8.30 -10.56
N TRP A 179 -21.24 9.28 -10.56
CA TRP A 179 -19.90 9.13 -11.08
C TRP A 179 -18.89 8.75 -10.01
N CYS A 180 -19.19 9.07 -8.74
CA CYS A 180 -18.31 8.69 -7.64
C CYS A 180 -18.31 7.19 -7.41
N GLN A 181 -19.46 6.53 -7.52
CA GLN A 181 -19.46 5.08 -7.44
C GLN A 181 -18.89 4.42 -8.68
N THR A 182 -18.94 5.09 -9.85
CA THR A 182 -18.42 4.45 -11.04
C THR A 182 -16.91 4.63 -11.14
N PHE A 183 -16.35 5.55 -10.37
CA PHE A 183 -14.89 5.59 -10.25
C PHE A 183 -14.37 4.83 -9.03
N ASP A 184 -15.18 4.66 -8.00
CA ASP A 184 -14.84 3.71 -6.94
C ASP A 184 -14.83 2.27 -7.42
N PHE A 185 -15.73 1.91 -8.33
CA PHE A 185 -15.66 0.59 -8.98
C PHE A 185 -14.44 0.46 -9.87
N ILE A 186 -13.98 1.55 -10.48
CA ILE A 186 -12.79 1.52 -11.33
C ILE A 186 -11.54 1.28 -10.50
N THR A 187 -11.43 1.96 -9.35
CA THR A 187 -10.33 1.72 -8.42
C THR A 187 -10.38 0.33 -7.80
N ALA A 188 -11.58 -0.22 -7.58
CA ALA A 188 -11.68 -1.59 -7.07
C ALA A 188 -11.26 -2.61 -8.12
N ALA A 189 -11.61 -2.36 -9.39
CA ALA A 189 -11.22 -3.25 -10.48
C ALA A 189 -9.72 -3.18 -10.73
N TRP A 190 -9.14 -1.99 -10.57
CA TRP A 190 -7.69 -1.83 -10.67
C TRP A 190 -6.97 -2.53 -9.53
N LEU A 191 -7.59 -2.56 -8.35
CA LEU A 191 -6.94 -3.23 -7.22
C LEU A 191 -6.99 -4.75 -7.34
N ILE A 192 -8.09 -5.31 -7.85
CA ILE A 192 -8.12 -6.76 -8.04
C ILE A 192 -7.28 -7.15 -9.25
N PHE A 193 -7.09 -6.23 -10.21
CA PHE A 193 -6.15 -6.46 -11.29
C PHE A 193 -4.71 -6.50 -10.78
N LEU A 194 -4.37 -5.61 -9.82
CA LEU A 194 -3.02 -5.63 -9.24
C LEU A 194 -2.80 -6.88 -8.41
N PHE A 195 -3.84 -7.36 -7.75
CA PHE A 195 -3.75 -8.63 -7.03
C PHE A 195 -3.58 -9.81 -7.97
N MET A 196 -4.24 -9.80 -9.13
CA MET A 196 -4.09 -10.92 -10.03
C MET A 196 -2.78 -10.85 -10.80
N VAL A 197 -2.20 -9.64 -10.95
CA VAL A 197 -0.87 -9.52 -11.55
C VAL A 197 0.19 -10.03 -10.58
N LEU A 198 0.05 -9.71 -9.28
CA LEU A 198 0.97 -10.22 -8.27
C LEU A 198 0.88 -11.73 -8.13
N CYS A 199 -0.33 -12.29 -8.21
CA CYS A 199 -0.47 -13.75 -8.16
C CYS A 199 0.01 -14.44 -9.41
N GLY A 200 -0.23 -13.88 -10.60
CA GLY A 200 0.25 -14.51 -11.81
C GLY A 200 1.75 -14.47 -11.96
N SER A 201 2.37 -13.36 -11.57
CA SER A 201 3.83 -13.27 -11.62
C SER A 201 4.48 -14.12 -10.54
N SER A 202 3.95 -14.11 -9.31
CA SER A 202 4.48 -14.95 -8.25
C SER A 202 4.19 -16.43 -8.44
N LEU A 203 3.23 -16.77 -9.29
CA LEU A 203 2.99 -18.17 -9.61
C LEU A 203 3.87 -18.64 -10.76
N ALA A 204 4.10 -17.80 -11.77
CA ALA A 204 4.98 -18.18 -12.88
C ALA A 204 6.43 -18.28 -12.43
N LEU A 205 6.83 -17.40 -11.50
CA LEU A 205 8.16 -17.47 -10.92
C LEU A 205 8.33 -18.72 -10.07
N LEU A 206 7.27 -19.14 -9.37
CA LEU A 206 7.36 -20.33 -8.54
C LEU A 206 7.31 -21.60 -9.38
N VAL A 207 6.62 -21.56 -10.51
CA VAL A 207 6.59 -22.71 -11.43
C VAL A 207 7.97 -22.91 -12.06
N ARG A 208 8.60 -21.81 -12.48
CA ARG A 208 9.95 -21.92 -13.06
C ARG A 208 11.01 -22.26 -12.02
N ILE A 209 10.84 -21.80 -10.79
CA ILE A 209 11.80 -22.13 -9.74
C ILE A 209 11.65 -23.56 -9.22
N LEU A 210 10.43 -24.07 -9.08
CA LEU A 210 10.28 -25.42 -8.56
C LEU A 210 10.24 -26.47 -9.65
N CYS A 211 10.23 -26.07 -10.92
CA CYS A 211 10.31 -27.05 -12.00
C CYS A 211 11.69 -27.09 -12.64
N GLY A 212 12.34 -25.94 -12.77
CA GLY A 212 13.54 -25.83 -13.59
C GLY A 212 14.72 -25.11 -12.99
N SER A 213 15.04 -25.37 -11.72
CA SER A 213 16.20 -24.78 -11.07
C SER A 213 17.33 -25.78 -10.96
N ARG A 214 18.54 -25.26 -10.69
CA ARG A 214 19.63 -26.13 -10.29
C ARG A 214 20.37 -25.66 -9.05
N GLY A 215 20.53 -24.36 -8.83
CA GLY A 215 21.34 -23.95 -7.71
C GLY A 215 20.71 -23.07 -6.65
N LEU A 216 19.39 -23.04 -6.58
CA LEU A 216 18.75 -22.02 -5.77
C LEU A 216 18.36 -22.56 -4.40
N PRO A 217 18.27 -21.69 -3.38
CA PRO A 217 17.62 -22.10 -2.12
C PRO A 217 16.10 -22.10 -2.25
N LEU A 218 15.48 -23.28 -2.39
CA LEU A 218 14.11 -23.32 -2.85
C LEU A 218 13.11 -23.07 -1.73
N THR A 219 13.46 -23.43 -0.49
CA THR A 219 12.53 -23.29 0.61
C THR A 219 12.37 -21.83 1.02
N ARG A 220 13.48 -21.10 1.07
CA ARG A 220 13.44 -19.68 1.43
C ARG A 220 12.79 -18.85 0.35
N LEU A 221 13.02 -19.22 -0.91
CA LEU A 221 12.41 -18.52 -2.04
C LEU A 221 10.91 -18.78 -2.09
N TYR A 222 10.50 -20.03 -1.84
CA TYR A 222 9.08 -20.39 -1.82
C TYR A 222 8.34 -19.69 -0.69
N LEU A 223 8.94 -19.67 0.50
CA LEU A 223 8.32 -19.04 1.67
C LEU A 223 8.25 -17.54 1.52
N THR A 224 9.28 -16.92 0.92
CA THR A 224 9.28 -15.48 0.73
C THR A 224 8.26 -15.04 -0.31
N ILE A 225 8.09 -15.84 -1.37
CA ILE A 225 7.15 -15.49 -2.43
C ILE A 225 5.70 -15.59 -1.94
N LEU A 226 5.34 -16.70 -1.27
CA LEU A 226 3.96 -16.77 -0.80
C LEU A 226 3.76 -15.92 0.45
N LEU A 227 4.84 -15.52 1.13
CA LEU A 227 4.75 -14.57 2.22
C LEU A 227 4.36 -13.19 1.71
N THR A 228 4.95 -12.74 0.60
CA THR A 228 4.55 -11.47 -0.01
C THR A 228 3.14 -11.54 -0.57
N VAL A 229 2.75 -12.71 -1.11
CA VAL A 229 1.40 -12.88 -1.66
C VAL A 229 0.34 -12.81 -0.56
N LEU A 230 0.59 -13.47 0.58
CA LEU A 230 -0.41 -13.46 1.64
C LEU A 230 -0.42 -12.13 2.38
N VAL A 231 0.74 -11.46 2.49
CA VAL A 231 0.79 -10.15 3.14
C VAL A 231 0.05 -9.11 2.30
N PHE A 232 0.17 -9.19 0.96
CA PHE A 232 -0.64 -8.41 0.03
C PHE A 232 -2.13 -8.66 0.23
N LEU A 233 -2.54 -9.93 0.12
CA LEU A 233 -3.96 -10.29 0.09
C LEU A 233 -4.67 -10.01 1.41
N LEU A 234 -4.01 -10.28 2.53
CA LEU A 234 -4.72 -10.10 3.79
C LEU A 234 -4.29 -8.86 4.54
N CYS A 235 -3.42 -8.02 3.99
CA CYS A 235 -3.12 -6.77 4.67
C CYS A 235 -3.24 -5.54 3.80
N GLY A 236 -2.83 -5.59 2.53
CA GLY A 236 -2.87 -4.39 1.73
C GLY A 236 -4.25 -4.17 1.16
N LEU A 237 -4.71 -5.13 0.37
CA LEU A 237 -6.02 -5.20 -0.25
C LEU A 237 -7.30 -4.98 0.56
N PRO A 238 -7.45 -5.41 1.85
CA PRO A 238 -8.75 -5.23 2.53
C PRO A 238 -9.26 -3.81 2.73
N PHE A 239 -8.37 -2.83 2.91
CA PHE A 239 -8.81 -1.44 3.00
C PHE A 239 -9.35 -0.93 1.69
N GLY A 240 -8.75 -1.35 0.59
CA GLY A 240 -9.21 -0.91 -0.71
C GLY A 240 -10.52 -1.55 -1.10
N ILE A 241 -10.73 -2.81 -0.70
CA ILE A 241 -12.02 -3.45 -0.97
C ILE A 241 -13.11 -2.87 -0.08
N GLN A 242 -12.80 -2.61 1.19
CA GLN A 242 -13.82 -2.03 2.05
C GLN A 242 -14.02 -0.54 1.82
N TRP A 243 -13.13 0.12 1.11
CA TRP A 243 -13.29 1.54 0.88
C TRP A 243 -13.87 1.85 -0.48
N PHE A 244 -13.43 1.14 -1.52
CA PHE A 244 -13.89 1.45 -2.86
C PHE A 244 -15.01 0.54 -3.34
N LEU A 245 -15.27 -0.59 -2.69
CA LEU A 245 -16.28 -1.48 -3.25
C LEU A 245 -17.34 -1.94 -2.26
N ILE A 246 -16.97 -2.21 -1.00
CA ILE A 246 -17.88 -2.91 -0.10
C ILE A 246 -18.93 -1.96 0.45
N LEU A 247 -18.63 -0.66 0.46
CA LEU A 247 -19.56 0.32 1.01
C LEU A 247 -20.71 0.60 0.04
N TRP A 248 -20.53 0.29 -1.23
CA TRP A 248 -21.63 0.47 -2.16
C TRP A 248 -22.47 -0.79 -2.30
N ILE A 249 -21.87 -1.96 -2.11
CA ILE A 249 -22.61 -3.19 -2.39
C ILE A 249 -23.21 -3.77 -1.11
N TRP A 250 -22.70 -3.39 0.06
CA TRP A 250 -23.24 -3.94 1.30
C TRP A 250 -24.42 -3.12 1.81
N LYS A 251 -24.51 -1.84 1.39
CA LYS A 251 -25.56 -0.83 1.65
C LYS A 251 -25.98 -0.71 3.13
N ASP A 252 -25.06 -0.89 4.06
CA ASP A 252 -25.28 -0.62 5.48
C ASP A 252 -24.17 0.31 5.95
N SER A 253 -24.55 1.40 6.64
CA SER A 253 -23.65 2.54 6.73
C SER A 253 -22.99 2.67 8.10
N ASP A 254 -23.62 2.16 9.16
CA ASP A 254 -23.12 2.37 10.52
C ASP A 254 -22.65 1.08 11.18
N VAL A 255 -23.52 0.07 11.25
CA VAL A 255 -23.44 -0.98 12.27
C VAL A 255 -22.35 -1.98 11.96
N LEU A 256 -22.01 -2.15 10.68
CA LEU A 256 -20.85 -2.96 10.34
C LEU A 256 -19.64 -2.09 10.11
N PHE A 257 -19.88 -0.84 9.66
CA PHE A 257 -18.83 0.00 9.12
C PHE A 257 -17.91 0.52 10.21
N CYS A 258 -18.45 0.75 11.42
CA CYS A 258 -17.60 1.17 12.55
C CYS A 258 -16.71 0.05 13.04
N HIS A 259 -17.00 -1.20 12.68
CA HIS A 259 -16.11 -2.29 13.03
C HIS A 259 -15.16 -2.63 11.88
N ILE A 260 -15.64 -2.57 10.63
CA ILE A 260 -14.84 -3.10 9.54
C ILE A 260 -13.94 -2.04 8.93
N HIS A 261 -14.20 -0.75 9.18
CA HIS A 261 -13.26 0.27 8.75
C HIS A 261 -11.95 0.32 9.56
N PRO A 262 -11.93 0.44 10.92
CA PRO A 262 -10.62 0.63 11.56
C PRO A 262 -9.81 -0.64 11.66
N VAL A 263 -10.44 -1.82 11.58
CA VAL A 263 -9.67 -3.05 11.51
C VAL A 263 -9.01 -3.19 10.13
N SER A 264 -9.62 -2.57 9.10
CA SER A 264 -8.99 -2.50 7.79
C SER A 264 -7.84 -1.52 7.79
N VAL A 265 -7.94 -0.44 8.57
CA VAL A 265 -6.84 0.51 8.65
C VAL A 265 -5.68 -0.08 9.46
N VAL A 266 -6.00 -0.93 10.44
CA VAL A 266 -4.98 -1.67 11.19
C VAL A 266 -4.25 -2.65 10.28
N LEU A 267 -5.00 -3.31 9.39
CA LEU A 267 -4.39 -4.23 8.42
C LEU A 267 -3.53 -3.50 7.39
N SER A 268 -3.96 -2.31 6.96
CA SER A 268 -3.19 -1.53 6.00
C SER A 268 -1.93 -0.96 6.60
N SER A 269 -2.00 -0.52 7.86
CA SER A 269 -0.81 -0.05 8.55
C SER A 269 0.14 -1.20 8.84
N LEU A 270 -0.41 -2.40 9.05
CA LEU A 270 0.44 -3.59 9.18
C LEU A 270 1.13 -3.93 7.87
N ASN A 271 0.45 -3.69 6.75
CA ASN A 271 1.05 -3.87 5.43
C ASN A 271 2.16 -2.86 5.18
N SER A 272 1.89 -1.58 5.45
CA SER A 272 2.89 -0.54 5.22
C SER A 272 4.01 -0.54 6.24
N SER A 273 3.82 -1.22 7.37
CA SER A 273 4.90 -1.44 8.31
C SER A 273 5.72 -2.68 7.95
N ALA A 274 5.08 -3.70 7.38
CA ALA A 274 5.78 -4.93 7.06
C ALA A 274 6.56 -4.83 5.76
N ASN A 275 6.13 -3.96 4.84
CA ASN A 275 6.82 -3.78 3.57
C ASN A 275 8.26 -3.27 3.62
N PRO A 276 8.68 -2.34 4.52
CA PRO A 276 10.13 -2.02 4.55
C PRO A 276 11.00 -3.15 5.05
N ILE A 277 10.48 -3.96 5.98
CA ILE A 277 11.22 -5.10 6.51
C ILE A 277 11.39 -6.17 5.44
N ILE A 278 10.29 -6.60 4.83
CA ILE A 278 10.27 -7.67 3.84
C ILE A 278 10.98 -7.29 2.55
N TYR A 279 10.90 -6.04 2.11
CA TYR A 279 11.53 -5.72 0.84
C TYR A 279 12.88 -5.03 0.96
N PHE A 280 13.31 -4.60 2.15
CA PHE A 280 14.66 -4.08 2.29
C PHE A 280 15.47 -4.78 3.36
N PHE A 281 14.92 -4.93 4.58
CA PHE A 281 15.76 -5.27 5.73
C PHE A 281 16.08 -6.75 5.74
N VAL A 282 15.09 -7.59 5.45
CA VAL A 282 15.28 -9.03 5.32
C VAL A 282 16.21 -9.35 4.15
N GLY A 283 16.11 -8.59 3.06
CA GLY A 283 16.90 -8.89 1.87
C GLY A 283 18.32 -8.38 1.96
N SER A 284 18.56 -7.31 2.72
CA SER A 284 19.88 -6.70 2.67
C SER A 284 20.64 -6.83 3.99
N PHE A 285 19.97 -6.60 5.14
CA PHE A 285 20.64 -6.53 6.43
C PHE A 285 20.75 -7.87 7.12
N ARG A 286 20.86 -8.98 6.36
CA ARG A 286 21.17 -10.27 6.96
C ARG A 286 22.65 -10.40 7.30
N LYS A 287 23.47 -9.45 6.82
CA LYS A 287 24.86 -9.26 7.21
C LYS A 287 25.05 -9.02 8.71
N GLN A 288 24.04 -8.49 9.40
CA GLN A 288 24.22 -8.11 10.80
C GLN A 288 24.15 -9.32 11.72
N TRP A 289 23.19 -10.21 11.49
CA TRP A 289 23.06 -11.42 12.30
C TRP A 289 22.47 -12.56 11.50
#